data_6AB1
#
_entry.id   6AB1
#
_cell.length_a   101.435
_cell.length_b   44.314
_cell.length_c   72.713
_cell.angle_alpha   90.00
_cell.angle_beta   118.47
_cell.angle_gamma   90.00
#
_symmetry.space_group_name_H-M   'C 1 2 1'
#
loop_
_entity.id
_entity.type
_entity.pdbx_description
1 polymer 'Pyrrolysine--tRNA ligase'
2 non-polymer 'MAGNESIUM ION'
3 non-polymer "ADENOSINE-5'-TRIPHOSPHATE"
4 non-polymer '(2S)-2-azanyl-6-[(2-azidophenyl)methoxycarbonylamino]hexanoic acid'
5 non-polymer 'POTASSIUM ION'
6 water water
#
_entity_poly.entity_id   1
_entity_poly.type   'polypeptide(L)'
_entity_poly.pdbx_seq_one_letter_code
;GSHMASAPALTKSQTDRLEVLLNPKDEISLNSGKPFRELESELLSRRKKDLQQIYAEERENYLGKLEREITRFFVDRGFL
EIKSPILIPLEYIERMGIDNDTELSKQIFRVDKNFCLRPMLAPNLANYLRKLDRALPDPIKIFEIGPCYRKESDGKEHLE
EFTMLNFCQMGSGCTRENLESIITDFLNHLGIDFKIVGDSCMVFGDTLDVMHGDLELSSAVVGPIPLDREWGIDKPWIGA
GFGLERLLKVKHDFKNIKRAARSGSYYNGISTNL
;
_entity_poly.pdbx_strand_id   A
#
loop_
_chem_comp.id
_chem_comp.type
_chem_comp.name
_chem_comp.formula
ATP non-polymer ADENOSINE-5'-TRIPHOSPHATE 'C10 H16 N5 O13 P3'
K non-polymer 'POTASSIUM ION' 'K 1'
MG non-polymer 'MAGNESIUM ION' 'Mg 2'
#
# COMPACT_ATOMS: atom_id res chain seq x y z
N PRO A 8 5.73 5.51 -40.42
CA PRO A 8 6.40 4.34 -39.84
C PRO A 8 5.78 3.93 -38.49
N ALA A 9 5.11 2.78 -38.47
CA ALA A 9 4.33 2.37 -37.30
C ALA A 9 5.22 1.71 -36.23
N LEU A 10 4.86 1.93 -34.97
CA LEU A 10 5.62 1.38 -33.85
C LEU A 10 5.18 -0.04 -33.53
N THR A 11 6.16 -0.92 -33.32
CA THR A 11 5.85 -2.27 -32.89
C THR A 11 5.44 -2.26 -31.42
N LYS A 12 4.88 -3.38 -30.98
CA LYS A 12 4.54 -3.52 -29.57
CA LYS A 12 4.54 -3.54 -29.57
C LYS A 12 5.77 -3.35 -28.68
N SER A 13 6.91 -3.94 -29.09
CA SER A 13 8.13 -3.79 -28.29
C SER A 13 8.55 -2.33 -28.20
N GLN A 14 8.44 -1.58 -29.30
CA GLN A 14 8.80 -0.16 -29.28
C GLN A 14 7.86 0.65 -28.40
N THR A 15 6.55 0.45 -28.54
CA THR A 15 5.60 1.15 -27.67
CA THR A 15 5.67 1.20 -27.67
C THR A 15 5.86 0.81 -26.21
N ASP A 16 6.14 -0.47 -25.91
CA ASP A 16 6.39 -0.86 -24.53
C ASP A 16 7.61 -0.11 -23.97
N ARG A 17 8.66 0.03 -24.78
CA ARG A 17 9.86 0.76 -24.33
C ARG A 17 9.53 2.23 -24.08
N LEU A 18 8.78 2.86 -24.97
CA LEU A 18 8.42 4.25 -24.75
C LEU A 18 7.53 4.41 -23.51
N GLU A 19 6.60 3.47 -23.29
CA GLU A 19 5.78 3.54 -22.08
C GLU A 19 6.61 3.42 -20.81
N VAL A 20 7.67 2.60 -20.83
CA VAL A 20 8.55 2.52 -19.66
C VAL A 20 9.17 3.88 -19.36
N LEU A 21 9.53 4.63 -20.39
CA LEU A 21 10.22 5.91 -20.24
C LEU A 21 9.29 7.10 -20.09
N LEU A 22 7.99 6.92 -20.33
CA LEU A 22 7.03 8.01 -20.26
C LEU A 22 6.63 8.23 -18.80
N ASN A 23 6.37 9.48 -18.47
CA ASN A 23 5.92 9.82 -17.13
C ASN A 23 4.60 10.58 -17.23
N PRO A 24 3.78 10.54 -16.18
CA PRO A 24 2.46 11.20 -16.27
C PRO A 24 2.52 12.66 -16.64
N LYS A 25 3.56 13.39 -16.24
CA LYS A 25 3.64 14.82 -16.53
C LYS A 25 3.91 15.09 -18.01
N ASP A 26 4.39 14.10 -18.75
CA ASP A 26 4.68 14.31 -20.16
C ASP A 26 3.36 14.43 -20.93
N GLU A 27 3.38 15.17 -22.03
CA GLU A 27 2.34 15.02 -23.04
C GLU A 27 3.02 14.88 -24.40
N ILE A 28 3.19 13.63 -24.81
CA ILE A 28 3.83 13.29 -26.07
C ILE A 28 2.96 12.23 -26.73
N SER A 29 2.64 12.44 -28.00
CA SER A 29 1.95 11.41 -28.78
C SER A 29 2.97 10.39 -29.26
N LEU A 30 2.77 9.12 -28.89
CA LEU A 30 3.73 8.09 -29.28
C LEU A 30 3.57 7.70 -30.74
N ASN A 31 2.37 7.78 -31.28
CA ASN A 31 2.08 7.38 -32.65
C ASN A 31 1.75 8.58 -33.53
N SER A 32 2.48 9.68 -33.32
CA SER A 32 2.29 10.87 -34.14
C SER A 32 2.90 10.71 -35.53
N GLY A 33 3.76 9.71 -35.73
CA GLY A 33 4.56 9.56 -36.93
C GLY A 33 6.02 9.91 -36.74
N LYS A 34 6.37 10.54 -35.64
CA LYS A 34 7.78 10.78 -35.33
C LYS A 34 8.46 9.42 -35.14
N PRO A 35 9.70 9.27 -35.58
CA PRO A 35 10.32 7.95 -35.52
C PRO A 35 10.64 7.56 -34.08
N PHE A 36 10.61 6.24 -33.86
CA PHE A 36 10.92 5.67 -32.55
C PHE A 36 12.23 6.22 -32.02
N ARG A 37 13.27 6.31 -32.86
CA ARG A 37 14.57 6.78 -32.38
C ARG A 37 14.47 8.15 -31.72
N GLU A 38 13.67 9.05 -32.28
CA GLU A 38 13.60 10.39 -31.72
C GLU A 38 12.74 10.43 -30.47
N LEU A 39 11.65 9.66 -30.44
CA LEU A 39 10.84 9.58 -29.23
C LEU A 39 11.63 8.97 -28.09
N GLU A 40 12.37 7.90 -28.36
CA GLU A 40 13.18 7.29 -27.32
C GLU A 40 14.25 8.26 -26.82
N SER A 41 14.92 8.98 -27.72
CA SER A 41 15.98 9.89 -27.31
CA SER A 41 15.98 9.88 -27.30
CA SER A 41 15.98 9.88 -27.30
C SER A 41 15.41 11.03 -26.47
N GLU A 42 14.27 11.57 -26.86
CA GLU A 42 13.65 12.64 -26.09
C GLU A 42 13.28 12.16 -24.69
N LEU A 43 12.64 10.99 -24.59
CA LEU A 43 12.23 10.50 -23.27
C LEU A 43 13.43 10.12 -22.43
N LEU A 44 14.46 9.53 -23.03
CA LEU A 44 15.67 9.23 -22.25
C LEU A 44 16.26 10.50 -21.67
N SER A 45 16.28 11.59 -22.45
CA SER A 45 16.84 12.84 -21.95
CA SER A 45 16.84 12.84 -21.95
CA SER A 45 16.86 12.83 -21.93
C SER A 45 16.02 13.40 -20.80
N ARG A 46 14.68 13.34 -20.91
CA ARG A 46 13.82 13.86 -19.84
C ARG A 46 14.03 13.05 -18.57
N ARG A 47 14.15 11.73 -18.70
CA ARG A 47 14.26 10.87 -17.51
C ARG A 47 15.63 10.97 -16.87
N LYS A 48 16.72 11.06 -17.65
CA LYS A 48 18.04 11.30 -17.07
C LYS A 48 18.06 12.62 -16.31
N LYS A 49 17.46 13.67 -16.87
CA LYS A 49 17.39 14.95 -16.17
C LYS A 49 16.61 14.80 -14.85
N ASP A 50 15.49 14.05 -14.89
CA ASP A 50 14.70 13.85 -13.69
C ASP A 50 15.49 13.12 -12.62
N LEU A 51 16.22 12.06 -13.00
CA LEU A 51 16.98 11.29 -12.02
C LEU A 51 18.14 12.12 -11.46
N GLN A 52 18.82 12.89 -12.32
CA GLN A 52 19.90 13.75 -11.87
C GLN A 52 19.41 14.79 -10.86
N GLN A 53 18.22 15.33 -11.08
CA GLN A 53 17.66 16.29 -10.15
C GLN A 53 17.33 15.64 -8.81
N ILE A 54 16.75 14.44 -8.83
CA ILE A 54 16.54 13.68 -7.60
C ILE A 54 17.87 13.49 -6.85
N TYR A 55 18.91 13.09 -7.57
CA TYR A 55 20.18 12.80 -6.91
C TYR A 55 20.80 14.06 -6.34
N ALA A 56 20.66 15.18 -7.06
CA ALA A 56 21.25 16.43 -6.60
C ALA A 56 20.49 17.03 -5.43
N GLU A 57 19.18 16.84 -5.37
CA GLU A 57 18.34 17.65 -4.49
C GLU A 57 17.33 16.88 -3.63
N GLU A 58 16.88 15.70 -4.08
CA GLU A 58 15.72 15.01 -3.50
C GLU A 58 16.01 13.51 -3.45
N ARG A 59 16.95 13.13 -2.57
CA ARG A 59 17.52 11.78 -2.50
C ARG A 59 16.69 10.79 -1.69
N GLU A 60 15.49 11.15 -1.27
CA GLU A 60 14.66 10.25 -0.49
C GLU A 60 13.79 9.38 -1.40
N ASN A 61 13.70 8.12 -1.02
CA ASN A 61 12.87 7.15 -1.74
C ASN A 61 11.39 7.42 -1.44
N TYR A 62 10.53 7.33 -2.45
CA TYR A 62 9.12 7.66 -2.23
C TYR A 62 8.49 6.75 -1.17
N LEU A 63 8.76 5.45 -1.22
CA LEU A 63 8.15 4.55 -0.25
C LEU A 63 8.69 4.82 1.14
N GLY A 64 10.01 5.01 1.26
CA GLY A 64 10.58 5.34 2.56
C GLY A 64 10.06 6.65 3.11
N LYS A 65 10.01 7.69 2.28
CA LYS A 65 9.52 9.00 2.71
C LYS A 65 8.06 8.93 3.15
N LEU A 66 7.22 8.23 2.39
CA LEU A 66 5.82 8.12 2.75
C LEU A 66 5.67 7.36 4.06
N GLU A 67 6.43 6.28 4.26
CA GLU A 67 6.40 5.58 5.55
C GLU A 67 6.74 6.53 6.68
N ARG A 68 7.77 7.36 6.50
CA ARG A 68 8.16 8.28 7.57
C ARG A 68 7.07 9.33 7.84
N GLU A 69 6.44 9.83 6.78
CA GLU A 69 5.37 10.82 6.94
C GLU A 69 4.18 10.22 7.68
N ILE A 70 3.78 9.01 7.31
CA ILE A 70 2.69 8.33 7.97
C ILE A 70 3.04 8.03 9.43
N THR A 71 4.27 7.60 9.67
CA THR A 71 4.71 7.30 11.04
C THR A 71 4.59 8.53 11.94
N ARG A 72 5.06 9.70 11.46
CA ARG A 72 4.92 10.91 12.26
C ARG A 72 3.45 11.23 12.53
N PHE A 73 2.59 11.07 11.52
CA PHE A 73 1.17 11.34 11.71
C PHE A 73 0.59 10.52 12.86
N PHE A 74 0.83 9.20 12.85
CA PHE A 74 0.22 8.34 13.86
C PHE A 74 0.90 8.45 15.22
N VAL A 75 2.23 8.58 15.25
CA VAL A 75 2.90 8.78 16.55
C VAL A 75 2.36 10.03 17.21
N ASP A 76 2.19 11.11 16.44
CA ASP A 76 1.72 12.37 17.02
C ASP A 76 0.29 12.29 17.52
N ARG A 77 -0.51 11.38 16.98
CA ARG A 77 -1.89 11.18 17.41
C ARG A 77 -2.03 10.12 18.50
N GLY A 78 -0.92 9.65 19.05
CA GLY A 78 -0.97 8.77 20.21
C GLY A 78 -0.92 7.29 19.93
N PHE A 79 -0.54 6.89 18.73
CA PHE A 79 -0.44 5.47 18.38
C PHE A 79 1.01 5.03 18.54
N LEU A 80 1.20 3.86 19.16
CA LEU A 80 2.52 3.26 19.33
C LEU A 80 2.99 2.62 18.02
N GLU A 81 4.24 2.92 17.63
CA GLU A 81 4.81 2.38 16.39
C GLU A 81 5.32 0.95 16.61
N ILE A 82 4.79 0.01 15.85
CA ILE A 82 5.15 -1.41 15.95
C ILE A 82 6.01 -1.81 14.75
N LYS A 83 7.01 -2.66 14.99
CA LYS A 83 7.71 -3.36 13.91
C LYS A 83 7.75 -4.83 14.31
N SER A 84 6.97 -5.64 13.61
CA SER A 84 6.72 -7.03 14.00
C SER A 84 7.27 -7.94 12.89
N PRO A 85 7.31 -9.26 13.08
CA PRO A 85 7.92 -10.14 12.08
C PRO A 85 7.21 -10.12 10.74
N ILE A 86 8.00 -10.19 9.67
CA ILE A 86 7.45 -10.40 8.33
C ILE A 86 7.29 -11.89 8.03
N LEU A 87 8.26 -12.68 8.50
CA LEU A 87 8.22 -14.14 8.40
C LEU A 87 7.48 -14.65 9.63
N ILE A 88 6.29 -15.23 9.42
CA ILE A 88 5.36 -15.55 10.51
C ILE A 88 5.03 -17.03 10.45
N PRO A 89 4.43 -17.59 11.54
CA PRO A 89 3.99 -18.98 11.50
C PRO A 89 2.87 -19.20 10.51
N LEU A 90 2.97 -20.29 9.75
CA LEU A 90 1.90 -20.67 8.83
C LEU A 90 0.57 -20.88 9.55
N GLU A 91 0.62 -21.31 10.82
CA GLU A 91 -0.60 -21.54 11.60
C GLU A 91 -1.46 -20.29 11.71
N TYR A 92 -0.86 -19.10 11.57
CA TYR A 92 -1.68 -17.88 11.64
C TYR A 92 -2.70 -17.83 10.52
N ILE A 93 -2.43 -18.45 9.37
CA ILE A 93 -3.32 -18.32 8.21
C ILE A 93 -4.68 -18.94 8.50
N GLU A 94 -4.71 -20.23 8.83
CA GLU A 94 -6.00 -20.86 9.12
C GLU A 94 -6.67 -20.23 10.33
N ARG A 95 -5.90 -19.84 11.34
CA ARG A 95 -6.50 -19.22 12.51
C ARG A 95 -7.14 -17.87 12.18
N MET A 96 -6.75 -17.25 11.07
CA MET A 96 -7.40 -16.01 10.66
C MET A 96 -8.71 -16.25 9.92
N GLY A 97 -9.10 -17.51 9.72
CA GLY A 97 -10.27 -17.80 8.94
C GLY A 97 -10.03 -17.81 7.45
N ILE A 98 -8.76 -17.82 7.03
CA ILE A 98 -8.43 -17.99 5.62
C ILE A 98 -8.50 -19.48 5.30
N ASP A 99 -9.67 -19.94 4.86
CA ASP A 99 -9.89 -21.37 4.71
C ASP A 99 -9.08 -21.94 3.54
N ASN A 100 -8.76 -23.23 3.63
CA ASN A 100 -8.25 -23.94 2.46
C ASN A 100 -9.37 -24.16 1.44
N LEU A 104 -7.72 -16.49 -1.24
CA LEU A 104 -6.74 -15.84 -0.36
C LEU A 104 -5.71 -16.85 0.13
N SER A 105 -6.16 -18.07 0.46
CA SER A 105 -5.22 -19.08 0.94
C SER A 105 -4.20 -19.42 -0.13
N LYS A 106 -4.66 -19.51 -1.38
CA LYS A 106 -3.77 -19.77 -2.51
C LYS A 106 -2.79 -18.64 -2.76
N GLN A 107 -3.00 -17.47 -2.15
CA GLN A 107 -2.15 -16.31 -2.36
C GLN A 107 -0.98 -16.25 -1.40
N ILE A 108 -0.82 -17.23 -0.50
CA ILE A 108 0.19 -17.16 0.55
C ILE A 108 1.51 -17.71 0.04
N PHE A 109 2.61 -16.95 0.23
CA PHE A 109 3.95 -17.44 -0.05
C PHE A 109 4.44 -18.25 1.14
N ARG A 110 4.65 -19.55 0.94
CA ARG A 110 5.10 -20.41 2.03
C ARG A 110 6.62 -20.42 2.10
N VAL A 111 7.13 -20.55 3.32
CA VAL A 111 8.56 -20.60 3.58
C VAL A 111 8.86 -21.82 4.45
N ASP A 112 9.74 -22.69 3.97
CA ASP A 112 10.06 -23.94 4.68
C ASP A 112 8.75 -24.72 4.84
N LYS A 113 8.51 -25.36 5.98
CA LYS A 113 7.29 -26.12 6.16
C LYS A 113 6.29 -25.48 7.11
N ASN A 114 6.74 -24.66 8.05
CA ASN A 114 5.85 -24.13 9.07
C ASN A 114 5.72 -22.62 9.05
N PHE A 115 6.27 -21.93 8.04
CA PHE A 115 6.29 -20.47 8.02
C PHE A 115 5.71 -19.95 6.71
N CYS A 116 5.41 -18.65 6.70
CA CYS A 116 5.02 -17.99 5.47
C CYS A 116 5.40 -16.53 5.58
N LEU A 117 5.35 -15.84 4.45
CA LEU A 117 5.44 -14.38 4.45
C LEU A 117 4.06 -13.82 4.78
N ARG A 118 4.01 -12.86 5.70
CA ARG A 118 2.72 -12.33 6.12
C ARG A 118 1.97 -11.69 4.94
N PRO A 119 0.69 -12.02 4.74
CA PRO A 119 -0.11 -11.35 3.71
C PRO A 119 -0.81 -10.10 4.21
N MET A 120 -0.74 -9.84 5.51
CA MET A 120 -1.35 -8.67 6.14
C MET A 120 -0.69 -8.50 7.49
N LEU A 121 -0.92 -7.33 8.08
CA LEU A 121 -0.34 -7.04 9.40
C LEU A 121 -1.26 -7.44 10.54
N ALA A 122 -2.54 -7.70 10.27
CA ALA A 122 -3.53 -7.86 11.33
C ALA A 122 -3.17 -8.85 12.42
N PRO A 123 -2.73 -10.09 12.13
CA PRO A 123 -2.53 -11.05 13.24
C PRO A 123 -1.46 -10.61 14.21
N ASN A 124 -0.35 -10.04 13.73
CA ASN A 124 0.65 -9.55 14.66
C ASN A 124 0.11 -8.39 15.48
N LEU A 125 -0.71 -7.53 14.89
CA LEU A 125 -1.26 -6.41 15.64
C LEU A 125 -2.29 -6.87 16.66
N ALA A 126 -3.11 -7.88 16.32
CA ALA A 126 -4.00 -8.50 17.30
C ALA A 126 -3.23 -9.01 18.52
N ASN A 127 -2.10 -9.69 18.30
CA ASN A 127 -1.31 -10.15 19.43
C ASN A 127 -0.79 -8.99 20.28
N TYR A 128 -0.33 -7.90 19.64
CA TYR A 128 0.13 -6.74 20.41
C TYR A 128 -1.01 -6.09 21.19
N LEU A 129 -2.20 -5.94 20.58
CA LEU A 129 -3.30 -5.35 21.33
C LEU A 129 -3.58 -6.13 22.60
N ARG A 130 -3.65 -7.46 22.48
CA ARG A 130 -3.92 -8.33 23.64
C ARG A 130 -2.84 -8.18 24.70
N LYS A 131 -1.57 -8.24 24.29
CA LYS A 131 -0.50 -8.13 25.27
C LYS A 131 -0.43 -6.74 25.90
N LEU A 132 -0.52 -5.69 25.09
CA LEU A 132 -0.39 -4.34 25.63
C LEU A 132 -1.56 -3.96 26.53
N ASP A 133 -2.73 -4.55 26.33
CA ASP A 133 -3.88 -4.25 27.19
C ASP A 133 -3.63 -4.64 28.64
N ARG A 134 -2.64 -5.49 28.91
CA ARG A 134 -2.32 -5.85 30.29
CA ARG A 134 -2.32 -5.86 30.28
C ARG A 134 -1.41 -4.84 30.96
N ALA A 135 -0.89 -3.85 30.23
CA ALA A 135 0.05 -2.91 30.79
C ALA A 135 -0.28 -1.45 30.53
N LEU A 136 -1.01 -1.13 29.49
CA LEU A 136 -1.19 0.26 29.09
C LEU A 136 -2.60 0.73 29.39
N PRO A 137 -2.78 2.04 29.54
CA PRO A 137 -4.11 2.57 29.83
C PRO A 137 -5.00 2.54 28.60
N ASP A 138 -6.30 2.46 28.85
CA ASP A 138 -7.30 2.52 27.81
C ASP A 138 -7.37 3.92 27.20
N PRO A 139 -7.48 4.04 25.87
CA PRO A 139 -7.49 2.99 24.85
C PRO A 139 -6.10 2.63 24.35
N ILE A 140 -5.94 1.41 23.85
CA ILE A 140 -4.70 0.94 23.23
C ILE A 140 -4.73 1.34 21.76
N LYS A 141 -3.72 2.10 21.33
CA LYS A 141 -3.63 2.60 19.95
C LYS A 141 -2.26 2.25 19.41
N ILE A 142 -2.22 1.48 18.32
CA ILE A 142 -0.95 1.03 17.73
C ILE A 142 -1.07 1.08 16.22
N PHE A 143 0.09 1.06 15.56
CA PHE A 143 0.08 0.93 14.10
C PHE A 143 1.38 0.31 13.66
N GLU A 144 1.37 -0.22 12.43
CA GLU A 144 2.58 -0.75 11.81
C GLU A 144 2.56 -0.41 10.32
N ILE A 145 3.76 -0.21 9.78
CA ILE A 145 3.95 -0.08 8.34
C ILE A 145 5.03 -1.08 7.95
N GLY A 146 4.78 -1.89 6.95
CA GLY A 146 5.86 -2.71 6.44
C GLY A 146 5.41 -3.65 5.36
N PRO A 147 6.37 -4.45 4.87
CA PRO A 147 6.12 -5.33 3.72
C PRO A 147 5.11 -6.42 4.04
N CYS A 148 4.27 -6.71 3.06
CA CYS A 148 3.35 -7.85 3.05
C CYS A 148 3.37 -8.48 1.65
N TYR A 149 2.92 -9.73 1.56
CA TYR A 149 3.17 -10.58 0.38
C TYR A 149 1.93 -11.37 0.03
N ARG A 150 1.54 -11.31 -1.25
CA ARG A 150 0.42 -12.11 -1.77
C ARG A 150 0.74 -12.48 -3.21
N LYS A 151 0.44 -13.73 -3.56
CA LYS A 151 0.52 -14.09 -4.97
C LYS A 151 -0.71 -13.50 -5.65
N GLU A 152 -0.50 -12.80 -6.75
CA GLU A 152 -1.57 -12.10 -7.44
C GLU A 152 -1.48 -12.35 -8.94
N SER A 153 -2.61 -12.25 -9.61
CA SER A 153 -2.59 -12.15 -11.05
C SER A 153 -2.03 -10.80 -11.46
N ASP A 154 -1.41 -10.76 -12.64
CA ASP A 154 -0.85 -9.51 -13.14
C ASP A 154 -1.97 -8.48 -13.26
N GLY A 155 -1.78 -7.33 -12.61
CA GLY A 155 -2.78 -6.28 -12.64
C GLY A 155 -2.13 -4.94 -12.36
N LYS A 156 -2.77 -3.89 -12.87
CA LYS A 156 -2.26 -2.54 -12.70
C LYS A 156 -2.34 -2.03 -11.27
N GLU A 157 -3.04 -2.73 -10.36
CA GLU A 157 -3.25 -2.27 -9.00
C GLU A 157 -2.73 -3.25 -7.94
N HIS A 158 -2.09 -4.34 -8.34
CA HIS A 158 -1.61 -5.34 -7.40
C HIS A 158 -0.12 -5.56 -7.59
N LEU A 159 0.56 -5.75 -6.46
CA LEU A 159 1.94 -6.19 -6.42
C LEU A 159 2.02 -7.44 -5.57
N GLU A 160 2.99 -8.30 -5.85
CA GLU A 160 3.15 -9.46 -4.98
C GLU A 160 3.88 -9.11 -3.70
N GLU A 161 4.73 -8.09 -3.75
CA GLU A 161 5.44 -7.54 -2.60
C GLU A 161 4.98 -6.09 -2.48
N PHE A 162 4.22 -5.78 -1.44
CA PHE A 162 3.69 -4.44 -1.25
C PHE A 162 3.95 -4.00 0.18
N THR A 163 3.49 -2.81 0.52
CA THR A 163 3.73 -2.22 1.83
C THR A 163 2.38 -1.82 2.40
N MET A 164 2.06 -2.34 3.58
N MET A 164 2.10 -2.33 3.59
CA MET A 164 0.79 -2.01 4.21
CA MET A 164 0.84 -2.08 4.30
C MET A 164 0.97 -1.20 5.50
C MET A 164 1.07 -1.09 5.45
N LEU A 165 0.10 -0.21 5.68
CA LEU A 165 -0.11 0.47 6.96
C LEU A 165 -1.35 -0.17 7.57
N ASN A 166 -1.30 -0.53 8.84
CA ASN A 166 -2.52 -0.88 9.57
C ASN A 166 -2.44 -0.11 10.87
N PHE A 167 -3.46 0.69 11.15
CA PHE A 167 -3.60 1.27 12.47
C PHE A 167 -4.84 0.70 13.14
N CYS A 168 -4.81 0.66 14.46
CA CYS A 168 -5.94 0.04 15.14
C CYS A 168 -5.98 0.52 16.57
N GLN A 169 -7.15 0.33 17.20
CA GLN A 169 -7.42 0.84 18.53
C GLN A 169 -8.33 -0.16 19.20
N MET A 170 -8.13 -0.34 20.51
CA MET A 170 -8.95 -1.27 21.27
C MET A 170 -9.28 -0.63 22.61
N GLY A 171 -10.55 -0.73 22.99
CA GLY A 171 -11.07 -0.19 24.25
C GLY A 171 -12.13 0.86 23.96
N SER A 172 -12.01 2.00 24.62
CA SER A 172 -12.96 3.08 24.39
C SER A 172 -12.69 3.72 23.02
N GLY A 173 -13.71 4.42 22.52
CA GLY A 173 -13.58 5.15 21.28
C GLY A 173 -13.57 4.29 20.04
N CYS A 174 -14.00 3.04 20.13
CA CYS A 174 -13.92 2.14 18.99
C CYS A 174 -15.26 2.05 18.27
N THR A 175 -15.64 3.19 17.71
CA THR A 175 -16.90 3.34 16.99
C THR A 175 -16.65 3.59 15.52
N ARG A 176 -17.70 3.37 14.73
CA ARG A 176 -17.62 3.68 13.31
CA ARG A 176 -17.62 3.68 13.31
C ARG A 176 -17.28 5.15 13.10
N GLU A 177 -17.90 6.04 13.87
CA GLU A 177 -17.65 7.47 13.65
C GLU A 177 -16.19 7.83 13.93
N ASN A 178 -15.59 7.26 14.98
CA ASN A 178 -14.20 7.58 15.24
C ASN A 178 -13.28 6.97 14.18
N LEU A 179 -13.57 5.74 13.74
CA LEU A 179 -12.79 5.14 12.65
C LEU A 179 -12.84 6.00 11.40
N GLU A 180 -14.05 6.45 11.01
CA GLU A 180 -14.15 7.31 9.83
C GLU A 180 -13.41 8.61 10.04
N SER A 181 -13.45 9.16 11.26
CA SER A 181 -12.77 10.42 11.50
CA SER A 181 -12.77 10.43 11.51
C SER A 181 -11.26 10.29 11.37
N ILE A 182 -10.69 9.16 11.83
CA ILE A 182 -9.24 8.98 11.72
C ILE A 182 -8.86 8.84 10.26
N ILE A 183 -9.64 8.06 9.50
CA ILE A 183 -9.41 7.88 8.07
C ILE A 183 -9.47 9.22 7.35
N THR A 184 -10.46 10.04 7.72
CA THR A 184 -10.64 11.35 7.08
C THR A 184 -9.46 12.26 7.41
N ASP A 185 -9.03 12.29 8.66
CA ASP A 185 -7.89 13.11 9.01
CA ASP A 185 -7.88 13.09 9.07
C ASP A 185 -6.62 12.64 8.30
N PHE A 186 -6.42 11.32 8.24
CA PHE A 186 -5.25 10.75 7.57
C PHE A 186 -5.22 11.11 6.08
N LEU A 187 -6.31 10.84 5.36
CA LEU A 187 -6.28 11.11 3.92
C LEU A 187 -6.31 12.61 3.63
N ASN A 188 -6.94 13.42 4.49
CA ASN A 188 -6.80 14.86 4.34
C ASN A 188 -5.35 15.30 4.50
N HIS A 189 -4.62 14.70 5.45
CA HIS A 189 -3.20 15.01 5.63
C HIS A 189 -2.40 14.71 4.36
N LEU A 190 -2.71 13.60 3.67
CA LEU A 190 -2.04 13.24 2.42
C LEU A 190 -2.62 13.96 1.20
N GLY A 191 -3.73 14.68 1.32
CA GLY A 191 -4.31 15.36 0.17
C GLY A 191 -5.06 14.47 -0.81
N ILE A 192 -5.65 13.37 -0.34
CA ILE A 192 -6.27 12.37 -1.20
C ILE A 192 -7.76 12.34 -0.92
N ASP A 193 -8.56 12.63 -1.94
CA ASP A 193 -10.01 12.56 -1.83
C ASP A 193 -10.49 11.11 -1.83
N PHE A 194 -11.60 10.86 -1.16
CA PHE A 194 -12.07 9.49 -1.08
C PHE A 194 -13.56 9.48 -0.76
N LYS A 195 -14.14 8.28 -0.89
CA LYS A 195 -15.50 7.99 -0.41
C LYS A 195 -15.42 6.66 0.34
N ILE A 196 -16.41 6.39 1.18
CA ILE A 196 -16.50 5.12 1.90
C ILE A 196 -17.66 4.31 1.32
N VAL A 197 -17.40 3.04 0.99
CA VAL A 197 -18.40 2.13 0.44
C VAL A 197 -18.37 0.87 1.28
N GLY A 198 -19.54 0.27 1.51
CA GLY A 198 -19.56 -1.04 2.17
C GLY A 198 -19.07 -2.14 1.24
N ASP A 199 -18.37 -3.11 1.83
CA ASP A 199 -17.97 -4.33 1.13
C ASP A 199 -17.91 -5.43 2.17
N SER A 200 -17.43 -6.61 1.77
CA SER A 200 -17.34 -7.73 2.70
CA SER A 200 -17.34 -7.71 2.71
C SER A 200 -16.18 -8.61 2.31
N CYS A 201 -15.56 -9.22 3.32
CA CYS A 201 -14.42 -10.09 3.06
C CYS A 201 -14.48 -11.32 3.97
N MET A 202 -13.72 -12.33 3.58
CA MET A 202 -13.78 -13.63 4.24
C MET A 202 -13.29 -13.57 5.68
N VAL A 203 -12.22 -12.80 5.93
CA VAL A 203 -11.59 -12.80 7.25
C VAL A 203 -12.43 -12.02 8.25
N PHE A 204 -12.82 -10.79 7.90
CA PHE A 204 -13.37 -9.85 8.86
C PHE A 204 -14.87 -9.65 8.74
N GLY A 205 -15.48 -10.05 7.64
CA GLY A 205 -16.90 -9.78 7.41
C GLY A 205 -17.10 -8.44 6.73
N ASP A 206 -18.08 -7.68 7.20
CA ASP A 206 -18.38 -6.38 6.60
C ASP A 206 -17.20 -5.44 6.77
N THR A 207 -16.84 -4.73 5.70
CA THR A 207 -15.79 -3.73 5.76
C THR A 207 -16.33 -2.40 5.29
N LEU A 208 -15.67 -1.35 5.74
CA LEU A 208 -15.85 -0.02 5.17
C LEU A 208 -14.66 0.17 4.24
N ASP A 209 -14.90 0.10 2.94
CA ASP A 209 -13.82 0.26 1.98
C ASP A 209 -13.65 1.72 1.61
N VAL A 210 -12.41 2.18 1.63
CA VAL A 210 -12.04 3.56 1.37
C VAL A 210 -11.64 3.59 -0.09
N MET A 211 -12.40 4.30 -0.92
CA MET A 211 -12.25 4.26 -2.38
C MET A 211 -11.81 5.61 -2.92
N HIS A 212 -10.85 5.59 -3.84
CA HIS A 212 -10.51 6.77 -4.62
C HIS A 212 -10.90 6.42 -6.05
N GLY A 213 -12.07 6.88 -6.46
CA GLY A 213 -12.63 6.40 -7.71
C GLY A 213 -12.91 4.93 -7.58
N ASP A 214 -12.42 4.15 -8.54
N ASP A 214 -12.41 4.13 -8.52
CA ASP A 214 -12.57 2.69 -8.51
CA ASP A 214 -12.60 2.69 -8.46
C ASP A 214 -11.34 2.00 -7.94
C ASP A 214 -11.45 1.98 -7.76
N LEU A 215 -10.49 2.72 -7.23
CA LEU A 215 -9.31 2.15 -6.60
C LEU A 215 -9.56 2.01 -5.10
N GLU A 216 -9.43 0.78 -4.58
CA GLU A 216 -9.56 0.53 -3.15
C GLU A 216 -8.28 0.92 -2.44
N LEU A 217 -8.34 1.97 -1.64
CA LEU A 217 -7.19 2.35 -0.82
C LEU A 217 -7.10 1.54 0.46
N SER A 218 -8.23 1.16 1.05
CA SER A 218 -8.20 0.51 2.36
C SER A 218 -9.47 -0.31 2.54
N SER A 219 -9.36 -1.33 3.37
CA SER A 219 -10.50 -1.93 4.05
C SER A 219 -10.35 -1.67 5.54
N ALA A 220 -11.45 -1.23 6.17
CA ALA A 220 -11.48 -0.92 7.60
C ALA A 220 -12.60 -1.71 8.24
N VAL A 221 -12.47 -1.96 9.53
CA VAL A 221 -13.34 -2.89 10.24
C VAL A 221 -13.68 -2.31 11.60
N VAL A 222 -14.96 -2.42 11.98
CA VAL A 222 -15.41 -2.10 13.33
C VAL A 222 -15.72 -3.42 14.03
N GLY A 223 -14.98 -3.72 15.09
CA GLY A 223 -15.24 -4.90 15.88
C GLY A 223 -16.36 -4.65 16.87
N PRO A 224 -16.65 -5.67 17.69
CA PRO A 224 -16.08 -7.02 17.70
C PRO A 224 -16.55 -7.87 16.52
N ILE A 225 -15.81 -8.93 16.22
CA ILE A 225 -16.18 -9.92 15.22
C ILE A 225 -15.93 -11.29 15.82
N PRO A 226 -16.54 -12.35 15.26
CA PRO A 226 -16.39 -13.69 15.87
C PRO A 226 -14.96 -14.14 15.99
N LEU A 227 -14.10 -13.75 15.05
CA LEU A 227 -12.68 -14.13 15.08
C LEU A 227 -11.98 -13.68 16.35
N ASP A 228 -12.52 -12.68 17.04
CA ASP A 228 -11.83 -12.13 18.22
C ASP A 228 -11.45 -13.21 19.21
N ARG A 229 -12.36 -14.13 19.49
CA ARG A 229 -12.13 -15.14 20.54
C ARG A 229 -10.88 -15.95 20.26
N GLU A 230 -10.62 -16.26 18.98
CA GLU A 230 -9.48 -17.08 18.62
C GLU A 230 -8.16 -16.35 18.79
N TRP A 231 -8.20 -15.03 18.97
CA TRP A 231 -7.01 -14.20 19.16
C TRP A 231 -6.97 -13.59 20.56
N GLY A 232 -7.88 -13.99 21.45
CA GLY A 232 -7.90 -13.44 22.79
C GLY A 232 -8.29 -11.99 22.88
N ILE A 233 -8.95 -11.46 21.86
CA ILE A 233 -9.42 -10.09 21.84
C ILE A 233 -10.82 -10.10 22.44
N ASP A 234 -11.02 -9.26 23.45
CA ASP A 234 -12.26 -9.31 24.21
C ASP A 234 -12.77 -7.91 24.55
N LYS A 235 -12.47 -6.94 23.70
CA LYS A 235 -12.90 -5.56 23.88
C LYS A 235 -13.25 -5.00 22.51
N PRO A 236 -14.01 -3.90 22.48
CA PRO A 236 -14.28 -3.24 21.20
C PRO A 236 -12.96 -2.86 20.55
N TRP A 237 -12.97 -2.81 19.22
CA TRP A 237 -11.77 -2.41 18.50
C TRP A 237 -12.18 -1.87 17.14
N ILE A 238 -11.28 -1.09 16.54
CA ILE A 238 -11.42 -0.61 15.17
C ILE A 238 -10.05 -0.72 14.50
N GLY A 239 -10.05 -0.85 13.19
CA GLY A 239 -8.78 -0.93 12.46
C GLY A 239 -8.95 -0.74 10.98
N ALA A 240 -7.84 -0.39 10.30
CA ALA A 240 -7.89 -0.17 8.87
C ALA A 240 -6.51 -0.48 8.30
N GLY A 241 -6.51 -1.10 7.13
CA GLY A 241 -5.28 -1.39 6.39
C GLY A 241 -5.25 -0.67 5.07
N PHE A 242 -4.13 -0.02 4.75
CA PHE A 242 -3.92 0.77 3.53
C PHE A 242 -2.67 0.28 2.81
N GLY A 243 -2.72 0.22 1.49
CA GLY A 243 -1.51 -0.03 0.70
C GLY A 243 -0.77 1.25 0.35
N LEU A 244 0.51 1.35 0.76
CA LEU A 244 1.27 2.56 0.49
C LEU A 244 1.51 2.77 -1.01
N GLU A 245 1.76 1.69 -1.77
CA GLU A 245 1.98 1.86 -3.21
C GLU A 245 0.73 2.38 -3.90
N ARG A 246 -0.45 1.97 -3.42
CA ARG A 246 -1.68 2.56 -3.98
C ARG A 246 -1.79 4.04 -3.67
N LEU A 247 -1.46 4.45 -2.44
CA LEU A 247 -1.42 5.87 -2.12
C LEU A 247 -0.47 6.61 -3.06
N LEU A 248 0.71 6.04 -3.32
CA LEU A 248 1.68 6.66 -4.21
C LEU A 248 1.14 6.73 -5.64
N LYS A 249 0.45 5.66 -6.08
CA LYS A 249 -0.12 5.67 -7.43
C LYS A 249 -1.10 6.83 -7.58
N VAL A 250 -1.91 7.09 -6.57
CA VAL A 250 -2.84 8.22 -6.65
C VAL A 250 -2.07 9.52 -6.65
N LYS A 251 -1.15 9.68 -5.71
CA LYS A 251 -0.44 10.94 -5.54
C LYS A 251 0.32 11.34 -6.79
N HIS A 252 0.91 10.38 -7.48
CA HIS A 252 1.74 10.68 -8.64
C HIS A 252 1.08 10.35 -9.98
N ASP A 253 -0.18 9.93 -9.96
N ASP A 253 -0.18 9.93 -9.97
CA ASP A 253 -0.92 9.62 -11.19
CA ASP A 253 -0.93 9.64 -11.21
C ASP A 253 -0.21 8.56 -12.03
C ASP A 253 -0.29 8.51 -12.03
N PHE A 254 0.40 7.57 -11.38
CA PHE A 254 1.01 6.48 -12.13
C PHE A 254 -0.05 5.61 -12.81
N LYS A 255 0.23 5.18 -14.03
CA LYS A 255 -0.67 4.25 -14.72
C LYS A 255 -0.60 2.85 -14.17
N ASN A 256 0.57 2.41 -13.70
CA ASN A 256 0.72 1.07 -13.16
C ASN A 256 1.38 1.18 -11.81
N ILE A 257 0.84 0.44 -10.84
CA ILE A 257 1.41 0.42 -9.50
C ILE A 257 2.88 -0.01 -9.44
N LYS A 258 3.38 -0.68 -10.47
CA LYS A 258 4.79 -1.09 -10.46
C LYS A 258 5.72 0.10 -10.32
N ARG A 259 5.29 1.30 -10.77
CA ARG A 259 6.13 2.50 -10.66
C ARG A 259 6.41 2.84 -9.23
N ALA A 260 5.56 2.39 -8.32
CA ALA A 260 5.62 2.69 -6.89
C ALA A 260 6.30 1.62 -6.07
N ALA A 261 6.57 0.46 -6.65
CA ALA A 261 6.97 -0.71 -5.88
C ALA A 261 8.45 -0.69 -5.54
N ARG A 262 8.81 -1.51 -4.57
CA ARG A 262 10.20 -1.95 -4.43
C ARG A 262 10.60 -2.60 -5.73
N SER A 263 11.73 -2.17 -6.26
CA SER A 263 11.98 -2.57 -7.63
C SER A 263 13.40 -2.19 -7.90
N GLY A 264 14.02 -2.94 -8.77
CA GLY A 264 15.23 -2.43 -9.37
C GLY A 264 14.97 -1.74 -10.69
N SER A 265 13.71 -1.69 -11.15
CA SER A 265 13.35 -1.19 -12.48
CA SER A 265 13.39 -1.18 -12.48
C SER A 265 12.85 0.26 -12.49
N TYR A 266 12.46 0.80 -11.33
CA TYR A 266 11.98 2.17 -11.24
C TYR A 266 12.53 2.77 -9.96
N TYR A 267 12.99 4.01 -10.02
CA TYR A 267 13.36 4.77 -8.84
C TYR A 267 12.44 5.98 -8.78
N ASN A 268 11.60 6.06 -7.75
CA ASN A 268 10.66 7.16 -7.64
C ASN A 268 9.89 7.38 -8.92
N GLY A 269 9.46 6.26 -9.52
CA GLY A 269 8.66 6.28 -10.73
C GLY A 269 9.43 6.53 -12.02
N ILE A 270 10.75 6.65 -11.96
N ILE A 270 10.76 6.68 -11.96
CA ILE A 270 11.59 6.88 -13.14
CA ILE A 270 11.60 6.92 -13.15
C ILE A 270 12.26 5.58 -13.51
C ILE A 270 12.28 5.62 -13.51
N SER A 271 12.19 5.21 -14.78
CA SER A 271 12.85 3.98 -15.20
C SER A 271 14.34 4.03 -14.88
N THR A 272 14.85 2.90 -14.39
CA THR A 272 16.29 2.77 -14.16
C THR A 272 17.00 2.15 -15.35
N ASN A 273 16.26 1.89 -16.44
CA ASN A 273 16.83 1.32 -17.66
C ASN A 273 17.04 2.47 -18.65
N LEU A 274 18.12 3.20 -18.41
CA LEU A 274 18.42 4.44 -19.14
C LEU A 274 19.70 4.35 -19.97
MG MG B . -7.01 -8.93 -2.94
MG MG C . -10.13 -4.95 1.05
MG MG D . -11.08 -5.76 -1.97
PG ATP E . -8.10 -5.97 -3.65
O1G ATP E . -9.59 -6.26 -3.54
O2G ATP E . -7.34 -7.20 -4.02
O3G ATP E . -7.72 -4.76 -4.43
PB ATP E . -8.00 -6.57 -0.90
O1B ATP E . -9.44 -6.29 -0.42
O2B ATP E . -7.59 -7.97 -1.23
O3B ATP E . -7.68 -5.62 -2.14
PA ATP E . -7.11 -5.99 1.79
O1A ATP E . -8.31 -5.15 2.19
O2A ATP E . -6.99 -7.40 2.23
O3A ATP E . -6.96 -5.96 0.21
O5' ATP E . -5.73 -5.23 2.18
C5' ATP E . -5.75 -3.89 2.68
C4' ATP E . -5.20 -2.92 1.64
O4' ATP E . -3.90 -3.36 1.20
C3' ATP E . -5.96 -2.81 0.35
O3' ATP E . -7.06 -1.91 0.52
C2' ATP E . -4.91 -2.28 -0.62
O2' ATP E . -4.71 -0.88 -0.41
C1' ATP E . -3.66 -2.98 -0.15
N9 ATP E . -3.35 -4.21 -0.92
C8 ATP E . -3.90 -5.42 -0.74
N7 ATP E . -3.36 -6.29 -1.63
C5 ATP E . -2.45 -5.63 -2.36
C6 ATP E . -1.56 -5.99 -3.43
N6 ATP E . -1.44 -7.25 -3.87
N1 ATP E . -0.77 -5.00 -3.90
C2 ATP E . -0.85 -3.73 -3.46
N3 ATP E . -1.65 -3.34 -2.46
C4 ATP E . -2.47 -4.27 -1.90
C15 9V0 F . -7.02 -6.87 15.02
C15 9V0 F . -7.40 -8.75 14.89
C20 9V0 F . -8.46 -8.81 15.23
C20 9V0 F . -8.13 -10.95 14.21
C21 9V0 F . -9.08 -8.24 16.34
C21 9V0 F . -9.06 -10.94 15.23
C22 9V0 F . -8.66 -6.99 16.78
C22 9V0 F . -9.18 -9.84 16.07
C 9V0 F . -8.34 -7.03 5.27
C 9V0 F . -7.13 -4.83 7.17
CA 9V0 F . -7.47 -6.25 6.26
CA 9V0 F . -8.01 -4.32 8.31
CB 9V0 F . -7.81 -4.76 6.38
CB 9V0 F . -7.51 -4.88 9.63
CG 9V0 F . -8.38 -4.37 7.76
CG 9V0 F . -8.61 -5.11 10.65
CD 9V0 F . -7.72 -5.11 8.93
CD 9V0 F . -7.87 -5.45 11.94
CE 9V0 F . -8.24 -4.67 10.30
CE 9V0 F . -6.77 -4.44 12.23
C11 9V0 F . -6.85 -5.18 12.36
C11 9V0 F . -6.36 -5.30 14.57
C14 9V0 F . -5.93 -6.08 14.38
C14 9V0 F . -6.50 -7.60 14.69
C16 9V0 F . -7.43 -8.13 14.57
C16 9V0 F . -7.28 -9.85 14.04
C23 9V0 F . -7.65 -6.31 16.13
C23 9V0 F . -8.34 -8.74 15.91
N 9V0 F . -6.07 -6.41 5.87
N 9V0 F . -9.35 -4.84 8.08
NZ 9V0 F . -7.75 -5.60 11.30
NZ 9V0 F . -5.86 -4.99 13.24
N17 9V0 F . -6.88 -8.78 13.46
N17 9V0 F . -6.32 -9.85 13.02
N18 9V0 F . -7.39 -9.94 13.19
N18 9V0 F . -6.27 -10.89 12.27
N19 9V0 F . -7.86 -10.96 12.99
N19 9V0 F . -6.27 -11.83 11.64
OXT 9V0 F . -7.82 -8.12 4.65
OXT 9V0 F . -5.94 -4.24 6.88
O 9V0 F . -9.64 -6.67 5.00
O 9V0 F . -7.56 -5.89 6.44
O12 9V0 F . -6.84 -4.00 12.70
O12 9V0 F . -6.01 -4.69 15.56
O13 9V0 F . -6.00 -6.15 12.95
O13 9V0 F . -7.25 -6.40 14.75
K K G . 0.23 12.70 -19.60
K K H . 6.10 -7.66 -6.60
#